data_9F0T
#
_entry.id   9F0T
#
_cell.length_a   59.877
_cell.length_b   78.323
_cell.length_c   55.976
_cell.angle_alpha   90.000
_cell.angle_beta   90.000
_cell.angle_gamma   90.000
#
_symmetry.space_group_name_H-M   'P 21 21 2'
#
loop_
_entity.id
_entity.type
_entity.pdbx_description
1 polymer 'Carbapenem-hydrolyzing beta-lactamase KPC'
2 non-polymer GLYCEROL
3 non-polymer 'SULFATE ION'
4 non-polymer ~{N}-[[(3~{S})-1-oxidanyl-3~{H}-2,1$l^{4}-benzoxaborol-3-yl]methyl]pyrrolidine-1-sulfonamide
5 non-polymer 'SODIUM ION'
6 water water
#
_entity_poly.entity_id   1
_entity_poly.type   'polypeptide(L)'
_entity_poly.pdbx_seq_one_letter_code
;MGSSHHHHHHSSGLVPRGSHMLTNLVAEPFAKLEQDFGGSIGVYAMDTGSGATVSYRAEERFPLCSSFKGFLAAAVLARS
QQQAGLLDTPIRYGKNALVPWSPISEKYLTTGMTVAELSAAAVQYSDNAAANLLLKELGGPAGLTAFMRSIGDTTFRLDR
WELELNSAIPGDARDTSSPRAVTESLQKLTLGSALAAPQRQQFVDWLKGNTTGNHRIRAAVPADWAVGDKTGTCGVYGTA
NDYAVVWPTGRAPIVLAVYTRAPNKDDKHSEAVIAAAARLALEGLGVNGQ
;
_entity_poly.pdbx_strand_id   A
#
# COMPACT_ATOMS: atom_id res chain seq x y z
N HIS A 20 13.95 3.48 20.41
CA HIS A 20 14.03 2.10 20.84
C HIS A 20 13.15 1.86 22.05
N MET A 21 13.16 2.84 22.96
CA MET A 21 12.47 2.70 24.24
C MET A 21 11.01 2.33 24.08
N LEU A 22 10.39 2.74 22.96
CA LEU A 22 8.96 2.51 22.73
C LEU A 22 8.70 1.49 21.63
N THR A 23 9.73 0.78 21.20
CA THR A 23 9.60 -0.24 20.16
C THR A 23 9.46 -1.61 20.82
N ASN A 24 8.43 -2.34 20.43
CA ASN A 24 8.22 -3.71 20.90
C ASN A 24 8.21 -3.79 22.43
N LEU A 25 7.44 -2.89 23.05
CA LEU A 25 7.25 -2.97 24.49
C LEU A 25 6.66 -4.32 24.89
N VAL A 26 5.83 -4.91 24.04
CA VAL A 26 5.21 -6.20 24.25
C VAL A 26 5.55 -7.08 23.07
N ALA A 27 6.25 -8.18 23.32
CA ALA A 27 6.64 -9.10 22.26
C ALA A 27 5.43 -9.89 21.77
N GLU A 28 5.42 -10.18 20.48
CA GLU A 28 4.35 -10.91 19.82
C GLU A 28 4.94 -12.02 18.97
N PRO A 29 4.20 -13.12 18.77
CA PRO A 29 4.77 -14.34 18.15
C PRO A 29 4.78 -14.29 16.62
N PHE A 30 5.46 -13.28 16.07
CA PHE A 30 5.60 -13.19 14.63
C PHE A 30 6.42 -14.34 14.04
N ALA A 31 7.44 -14.81 14.76
CA ALA A 31 8.29 -15.87 14.22
C ALA A 31 7.49 -17.14 14.00
N LYS A 32 6.66 -17.54 14.97
CA LYS A 32 5.84 -18.71 14.77
C LYS A 32 4.89 -18.51 13.60
N LEU A 33 4.32 -17.32 13.48
CA LEU A 33 3.40 -17.05 12.38
C LEU A 33 4.07 -17.24 11.02
N GLU A 34 5.29 -16.69 10.84
CA GLU A 34 5.94 -16.80 9.53
C GLU A 34 6.42 -18.21 9.28
N GLN A 35 6.81 -18.93 10.33
CA GLN A 35 7.25 -20.30 10.16
C GLN A 35 6.11 -21.19 9.71
N ASP A 36 4.92 -21.01 10.31
CA ASP A 36 3.76 -21.76 9.87
C ASP A 36 3.39 -21.41 8.43
N PHE A 37 3.55 -20.14 8.06
CA PHE A 37 3.31 -19.69 6.69
C PHE A 37 4.32 -20.26 5.71
N GLY A 38 5.53 -20.55 6.17
CA GLY A 38 6.58 -21.04 5.30
C GLY A 38 7.39 -19.95 4.64
N GLY A 39 7.49 -18.79 5.24
CA GLY A 39 8.21 -17.69 4.63
C GLY A 39 8.60 -16.64 5.63
N SER A 40 8.61 -15.40 5.18
CA SER A 40 9.01 -14.25 5.97
C SER A 40 7.88 -13.24 6.00
N ILE A 41 7.66 -12.68 7.19
N ILE A 41 7.61 -12.68 7.17
CA ILE A 41 6.68 -11.63 7.39
CA ILE A 41 6.65 -11.60 7.32
C ILE A 41 7.41 -10.40 7.93
C ILE A 41 7.35 -10.40 7.93
N GLY A 42 7.11 -9.24 7.34
CA GLY A 42 7.64 -7.99 7.81
C GLY A 42 6.53 -7.06 8.23
N VAL A 43 6.67 -6.47 9.42
CA VAL A 43 5.63 -5.66 10.02
C VAL A 43 6.25 -4.41 10.61
N TYR A 44 5.65 -3.27 10.33
N TYR A 44 5.60 -3.26 10.39
CA TYR A 44 5.90 -2.06 11.08
CA TYR A 44 5.94 -2.04 11.12
C TYR A 44 4.56 -1.42 11.38
C TYR A 44 4.67 -1.24 11.36
N ALA A 45 4.34 -1.06 12.63
CA ALA A 45 3.10 -0.41 13.03
C ALA A 45 3.45 0.72 13.98
N MET A 46 2.84 1.88 13.77
N MET A 46 2.83 1.87 13.77
CA MET A 46 3.12 3.09 14.51
CA MET A 46 3.12 3.07 14.54
C MET A 46 1.85 3.63 15.16
C MET A 46 1.83 3.60 15.16
N ASP A 47 1.88 3.80 16.47
CA ASP A 47 0.85 4.55 17.18
C ASP A 47 1.22 6.02 17.07
N THR A 48 0.46 6.78 16.27
CA THR A 48 0.85 8.16 16.01
C THR A 48 0.63 9.08 17.20
N GLY A 49 -0.05 8.62 18.25
CA GLY A 49 -0.21 9.41 19.45
C GLY A 49 1.04 9.40 20.27
N SER A 50 1.46 8.21 20.70
CA SER A 50 2.60 8.09 21.59
C SER A 50 3.93 7.89 20.87
N GLY A 51 3.91 7.49 19.61
CA GLY A 51 5.12 7.09 18.91
C GLY A 51 5.55 5.67 19.15
N ALA A 52 4.81 4.90 19.95
CA ALA A 52 5.15 3.49 20.16
C ALA A 52 5.01 2.73 18.85
N THR A 53 5.85 1.70 18.71
CA THR A 53 5.89 0.93 17.49
C THR A 53 5.96 -0.56 17.77
N VAL A 54 5.51 -1.32 16.79
CA VAL A 54 5.74 -2.76 16.69
C VAL A 54 6.54 -2.97 15.42
N SER A 55 7.61 -3.76 15.51
N SER A 55 7.66 -3.69 15.53
CA SER A 55 8.58 -3.87 14.44
CA SER A 55 8.55 -3.87 14.39
C SER A 55 9.09 -5.30 14.36
C SER A 55 9.07 -5.29 14.36
N TYR A 56 8.96 -5.93 13.19
CA TYR A 56 9.45 -7.28 12.97
C TYR A 56 9.91 -7.36 11.53
N ARG A 57 11.21 -7.64 11.31
CA ARG A 57 11.79 -7.63 9.96
C ARG A 57 11.48 -6.32 9.23
N ALA A 58 11.41 -5.22 9.97
CA ALA A 58 10.80 -4.00 9.45
C ALA A 58 11.69 -3.27 8.45
N GLU A 59 12.99 -3.52 8.48
CA GLU A 59 13.93 -2.88 7.56
C GLU A 59 14.36 -3.81 6.45
N GLU A 60 13.83 -5.02 6.37
CA GLU A 60 14.08 -5.87 5.21
C GLU A 60 13.27 -5.38 4.01
N ARG A 61 13.81 -5.63 2.83
CA ARG A 61 13.08 -5.34 1.60
C ARG A 61 12.12 -6.46 1.26
N PHE A 62 10.93 -6.05 0.80
CA PHE A 62 9.92 -6.94 0.27
C PHE A 62 9.39 -6.32 -1.03
N PRO A 63 8.98 -7.15 -1.99
CA PRO A 63 8.38 -6.61 -3.22
C PRO A 63 7.12 -5.82 -2.91
N LEU A 64 6.99 -4.68 -3.58
CA LEU A 64 5.80 -3.85 -3.46
C LEU A 64 4.57 -4.50 -4.07
N CYS A 65 4.73 -5.19 -5.19
CA CYS A 65 3.59 -5.64 -5.98
C CYS A 65 2.66 -4.43 -6.19
N SER A 66 1.34 -4.62 -6.15
CA SER A 66 0.46 -3.50 -6.46
C SER A 66 0.43 -2.42 -5.38
N SER A 67 1.09 -2.64 -4.24
CA SER A 67 0.99 -1.64 -3.19
C SER A 67 1.61 -0.32 -3.59
N PHE A 68 2.48 -0.29 -4.61
CA PHE A 68 3.00 0.99 -5.05
C PHE A 68 1.90 1.90 -5.59
N LYS A 69 0.74 1.35 -6.00
CA LYS A 69 -0.29 2.17 -6.64
C LYS A 69 -0.88 3.20 -5.69
N GLY A 70 -0.86 2.93 -4.39
CA GLY A 70 -1.28 3.97 -3.45
C GLY A 70 -0.36 5.17 -3.50
N PHE A 71 0.96 4.92 -3.42
CA PHE A 71 1.93 6.01 -3.52
C PHE A 71 1.86 6.70 -4.88
N LEU A 72 1.58 5.94 -5.94
CA LEU A 72 1.38 6.51 -7.26
C LEU A 72 0.26 7.55 -7.23
N ALA A 73 -0.88 7.20 -6.65
CA ALA A 73 -1.98 8.16 -6.57
C ALA A 73 -1.60 9.37 -5.74
N ALA A 74 -0.84 9.16 -4.66
CA ALA A 74 -0.40 10.30 -3.86
C ALA A 74 0.50 11.22 -4.66
N ALA A 75 1.39 10.64 -5.49
CA ALA A 75 2.26 11.45 -6.33
C ALA A 75 1.45 12.26 -7.35
N VAL A 76 0.40 11.68 -7.90
CA VAL A 76 -0.49 12.42 -8.80
C VAL A 76 -1.14 13.58 -8.06
N LEU A 77 -1.63 13.31 -6.85
CA LEU A 77 -2.23 14.38 -6.05
C LEU A 77 -1.24 15.50 -5.78
N ALA A 78 0.00 15.14 -5.44
CA ALA A 78 1.02 16.17 -5.22
C ALA A 78 1.23 17.02 -6.46
N ARG A 79 1.30 16.40 -7.64
N ARG A 79 1.31 16.39 -7.63
CA ARG A 79 1.45 17.18 -8.86
CA ARG A 79 1.43 17.14 -8.88
C ARG A 79 0.23 18.07 -9.10
C ARG A 79 0.25 18.07 -9.07
N SER A 80 -0.96 17.60 -8.72
CA SER A 80 -2.16 18.39 -8.94
C SER A 80 -2.17 19.67 -8.11
N GLN A 81 -1.33 19.77 -7.08
CA GLN A 81 -1.22 21.01 -6.32
C GLN A 81 -0.61 22.12 -7.17
N GLN A 82 0.21 21.77 -8.17
CA GLN A 82 0.79 22.74 -9.08
C GLN A 82 0.11 22.75 -10.44
N GLN A 83 -0.80 21.82 -10.71
CA GLN A 83 -1.55 21.76 -11.96
C GLN A 83 -3.03 21.61 -11.59
N ALA A 84 -3.79 22.70 -11.71
N ALA A 84 -3.66 22.72 -11.22
CA ALA A 84 -5.12 22.86 -11.10
CA ALA A 84 -5.10 22.70 -11.07
C ALA A 84 -6.29 22.19 -11.84
C ALA A 84 -5.63 22.36 -12.45
N GLY A 85 -6.00 21.17 -12.66
CA GLY A 85 -6.84 20.80 -13.78
C GLY A 85 -6.32 19.45 -14.22
N LEU A 86 -5.21 19.04 -13.60
CA LEU A 86 -4.67 17.71 -13.82
C LEU A 86 -5.72 16.64 -13.55
N LEU A 87 -6.37 16.69 -12.38
CA LEU A 87 -7.24 15.59 -12.01
C LEU A 87 -8.42 15.46 -12.96
N ASP A 88 -8.87 16.58 -13.54
CA ASP A 88 -9.98 16.57 -14.48
C ASP A 88 -9.58 16.21 -15.90
N THR A 89 -8.31 15.98 -16.17
CA THR A 89 -7.87 15.78 -17.54
C THR A 89 -8.38 14.45 -18.07
N PRO A 90 -9.10 14.43 -19.19
N PRO A 90 -9.04 14.42 -19.23
CA PRO A 90 -9.48 13.15 -19.80
CA PRO A 90 -9.51 13.14 -19.78
C PRO A 90 -8.26 12.47 -20.40
C PRO A 90 -8.41 12.43 -20.56
N ILE A 91 -8.20 11.16 -20.22
CA ILE A 91 -7.15 10.32 -20.79
C ILE A 91 -7.80 9.26 -21.66
N ARG A 92 -7.52 9.29 -22.94
N ARG A 92 -7.51 9.27 -22.95
CA ARG A 92 -7.91 8.21 -23.83
CA ARG A 92 -7.92 8.22 -23.85
C ARG A 92 -6.77 7.21 -23.94
C ARG A 92 -6.78 7.24 -24.08
N TYR A 93 -7.11 5.97 -24.26
CA TYR A 93 -6.12 4.92 -24.36
C TYR A 93 -6.62 3.85 -25.31
N GLY A 94 -5.67 3.12 -25.92
CA GLY A 94 -6.00 2.06 -26.84
C GLY A 94 -6.05 0.70 -26.17
N LYS A 95 -6.53 -0.28 -26.94
CA LYS A 95 -6.60 -1.63 -26.41
C LYS A 95 -5.24 -2.11 -25.96
N ASN A 96 -4.17 -1.64 -26.63
CA ASN A 96 -2.83 -2.06 -26.24
C ASN A 96 -2.43 -1.59 -24.86
N ALA A 97 -3.15 -0.63 -24.27
CA ALA A 97 -2.87 -0.20 -22.90
C ALA A 97 -3.49 -1.14 -21.87
N LEU A 98 -4.38 -2.05 -22.27
N LEU A 98 -4.48 -1.91 -22.25
CA LEU A 98 -5.18 -2.84 -21.32
CA LEU A 98 -5.04 -2.87 -21.31
C LEU A 98 -4.52 -4.17 -20.98
C LEU A 98 -3.95 -3.89 -21.00
N VAL A 99 -3.62 -4.12 -20.02
N VAL A 99 -3.71 -4.09 -19.73
CA VAL A 99 -2.93 -5.32 -19.56
CA VAL A 99 -2.85 -5.18 -19.27
C VAL A 99 -3.82 -6.11 -18.60
C VAL A 99 -3.75 -6.06 -18.39
N PRO A 100 -3.44 -7.34 -18.25
CA PRO A 100 -4.27 -8.17 -17.38
C PRO A 100 -4.56 -7.50 -16.05
N TRP A 101 -5.76 -7.75 -15.55
CA TRP A 101 -6.29 -7.14 -14.33
C TRP A 101 -6.39 -5.62 -14.44
N SER A 102 -7.31 -5.21 -15.30
CA SER A 102 -7.68 -3.81 -15.50
C SER A 102 -9.21 -3.72 -15.42
N PRO A 103 -9.78 -4.04 -14.26
CA PRO A 103 -11.24 -4.22 -14.20
C PRO A 103 -12.05 -2.96 -14.43
N ILE A 104 -11.53 -1.79 -14.10
CA ILE A 104 -12.24 -0.55 -14.36
C ILE A 104 -11.92 -0.01 -15.74
N SER A 105 -10.63 0.12 -16.07
N SER A 105 -10.61 0.11 -16.04
CA SER A 105 -10.29 0.76 -17.32
CA SER A 105 -10.16 0.67 -17.31
C SER A 105 -10.78 -0.02 -18.54
C SER A 105 -10.82 -0.02 -18.49
N GLU A 106 -10.96 -1.34 -18.42
CA GLU A 106 -11.51 -2.08 -19.56
C GLU A 106 -12.94 -1.67 -19.85
N LYS A 107 -13.68 -1.17 -18.86
N LYS A 107 -13.68 -1.18 -18.86
CA LYS A 107 -15.07 -0.77 -19.05
CA LYS A 107 -15.08 -0.77 -19.07
C LYS A 107 -15.21 0.63 -19.66
C LYS A 107 -15.19 0.59 -19.73
N TYR A 108 -14.10 1.36 -19.78
CA TYR A 108 -14.08 2.71 -20.33
C TYR A 108 -13.10 2.81 -21.49
N LEU A 109 -12.69 1.68 -22.07
CA LEU A 109 -11.78 1.69 -23.20
C LEU A 109 -12.30 2.59 -24.32
N THR A 110 -13.59 2.48 -24.62
CA THR A 110 -14.15 3.22 -25.75
C THR A 110 -14.50 4.66 -25.41
N THR A 111 -14.29 5.08 -24.16
CA THR A 111 -14.64 6.43 -23.74
C THR A 111 -13.48 7.22 -23.15
N GLY A 112 -12.50 6.57 -22.55
CA GLY A 112 -11.51 7.25 -21.73
C GLY A 112 -11.99 7.46 -20.30
N MET A 113 -11.06 7.92 -19.46
N MET A 113 -11.04 7.89 -19.44
CA MET A 113 -11.32 8.22 -18.06
CA MET A 113 -11.28 8.15 -18.02
C MET A 113 -10.46 9.40 -17.65
C MET A 113 -10.46 9.38 -17.64
N THR A 114 -10.86 10.09 -16.59
CA THR A 114 -10.06 11.20 -16.12
C THR A 114 -8.87 10.69 -15.28
N VAL A 115 -7.89 11.58 -15.09
CA VAL A 115 -6.75 11.27 -14.22
C VAL A 115 -7.22 10.88 -12.82
N ALA A 116 -8.19 11.62 -12.28
CA ALA A 116 -8.72 11.26 -10.95
C ALA A 116 -9.34 9.88 -10.98
N GLU A 117 -10.11 9.57 -12.03
CA GLU A 117 -10.73 8.26 -12.12
C GLU A 117 -9.70 7.15 -12.25
N LEU A 118 -8.66 7.38 -13.05
CA LEU A 118 -7.59 6.39 -13.14
C LEU A 118 -6.92 6.19 -11.79
N SER A 119 -6.73 7.27 -11.04
CA SER A 119 -6.10 7.17 -9.73
C SER A 119 -6.97 6.37 -8.77
N ALA A 120 -8.28 6.65 -8.74
CA ALA A 120 -9.18 5.88 -7.92
C ALA A 120 -9.18 4.41 -8.31
N ALA A 121 -9.14 4.12 -9.62
CA ALA A 121 -9.16 2.73 -10.06
C ALA A 121 -7.87 2.02 -9.66
N ALA A 122 -6.72 2.69 -9.82
CA ALA A 122 -5.44 2.12 -9.41
C ALA A 122 -5.46 1.79 -7.92
N VAL A 123 -6.01 2.69 -7.10
CA VAL A 123 -6.02 2.46 -5.65
C VAL A 123 -7.05 1.42 -5.27
N GLN A 124 -8.29 1.56 -5.75
CA GLN A 124 -9.43 0.84 -5.17
C GLN A 124 -9.71 -0.49 -5.83
N TYR A 125 -9.21 -0.69 -7.05
CA TYR A 125 -9.36 -1.95 -7.79
C TYR A 125 -8.01 -2.48 -8.23
N SER A 126 -6.91 -1.82 -7.86
N SER A 126 -6.92 -1.81 -7.87
CA SER A 126 -5.57 -2.26 -8.26
CA SER A 126 -5.58 -2.24 -8.24
C SER A 126 -5.44 -2.34 -9.78
C SER A 126 -5.42 -2.32 -9.76
N ASP A 127 -6.12 -1.44 -10.49
CA ASP A 127 -6.19 -1.51 -11.96
C ASP A 127 -4.83 -1.29 -12.59
N ASN A 128 -4.39 -2.26 -13.39
CA ASN A 128 -3.04 -2.22 -13.95
C ASN A 128 -2.89 -1.24 -15.11
N ALA A 129 -3.85 -1.21 -16.03
CA ALA A 129 -3.77 -0.23 -17.11
C ALA A 129 -3.76 1.19 -16.55
N ALA A 130 -4.61 1.44 -15.55
CA ALA A 130 -4.62 2.77 -14.93
C ALA A 130 -3.28 3.10 -14.33
N ALA A 131 -2.68 2.13 -13.63
CA ALA A 131 -1.38 2.36 -13.01
C ALA A 131 -0.32 2.70 -14.06
N ASN A 132 -0.30 1.97 -15.18
CA ASN A 132 0.72 2.26 -16.18
C ASN A 132 0.49 3.63 -16.82
N LEU A 133 -0.78 4.00 -17.05
CA LEU A 133 -1.07 5.33 -17.62
C LEU A 133 -0.61 6.43 -16.67
N LEU A 134 -0.85 6.26 -15.38
CA LEU A 134 -0.43 7.28 -14.42
C LEU A 134 1.08 7.30 -14.26
N LEU A 135 1.73 6.14 -14.28
CA LEU A 135 3.19 6.12 -14.25
C LEU A 135 3.75 6.94 -15.41
N LYS A 136 3.18 6.79 -16.60
CA LYS A 136 3.64 7.57 -17.74
C LYS A 136 3.51 9.07 -17.45
N GLU A 137 2.40 9.48 -16.84
CA GLU A 137 2.20 10.89 -16.51
C GLU A 137 3.33 11.42 -15.64
N LEU A 138 3.85 10.60 -14.73
CA LEU A 138 4.86 11.03 -13.77
C LEU A 138 6.29 10.87 -14.27
N GLY A 139 6.49 10.36 -15.47
CA GLY A 139 7.83 10.08 -15.94
C GLY A 139 8.33 8.69 -15.59
N GLY A 140 7.45 7.76 -15.35
CA GLY A 140 7.82 6.37 -15.22
C GLY A 140 8.19 6.01 -13.80
N PRO A 141 8.68 4.78 -13.62
CA PRO A 141 9.13 4.34 -12.29
C PRO A 141 10.10 5.29 -11.60
N ALA A 142 11.02 5.90 -12.35
CA ALA A 142 11.95 6.84 -11.72
C ALA A 142 11.24 8.09 -11.24
N GLY A 143 10.17 8.51 -11.93
CA GLY A 143 9.43 9.68 -11.47
C GLY A 143 8.69 9.41 -10.17
N LEU A 144 8.09 8.22 -10.04
CA LEU A 144 7.47 7.89 -8.75
C LEU A 144 8.54 7.77 -7.66
N THR A 145 9.67 7.14 -7.96
CA THR A 145 10.76 7.06 -7.00
C THR A 145 11.19 8.45 -6.56
N ALA A 146 11.32 9.38 -7.51
CA ALA A 146 11.69 10.74 -7.17
C ALA A 146 10.68 11.38 -6.23
N PHE A 147 9.38 11.15 -6.45
CA PHE A 147 8.40 11.69 -5.52
C PHE A 147 8.63 11.15 -4.11
N MET A 148 8.87 9.85 -3.99
CA MET A 148 9.11 9.27 -2.68
C MET A 148 10.37 9.85 -2.03
N ARG A 149 11.43 10.07 -2.83
CA ARG A 149 12.61 10.73 -2.28
C ARG A 149 12.26 12.13 -1.76
N SER A 150 11.36 12.84 -2.46
CA SER A 150 11.03 14.20 -2.10
C SER A 150 10.31 14.30 -0.75
N ILE A 151 9.71 13.21 -0.28
CA ILE A 151 9.08 13.21 1.04
C ILE A 151 9.99 12.59 2.10
N GLY A 152 11.23 12.28 1.74
CA GLY A 152 12.20 11.76 2.68
C GLY A 152 12.32 10.24 2.74
N ASP A 153 11.75 9.52 1.79
CA ASP A 153 11.83 8.06 1.76
C ASP A 153 13.03 7.69 0.89
N THR A 154 14.08 7.16 1.51
CA THR A 154 15.28 6.76 0.80
C THR A 154 15.32 5.26 0.50
N THR A 155 14.27 4.53 0.88
CA THR A 155 14.22 3.09 0.73
C THR A 155 13.44 2.67 -0.50
N PHE A 156 12.27 3.26 -0.71
CA PHE A 156 11.39 2.91 -1.82
C PHE A 156 12.15 2.93 -3.14
N ARG A 157 11.91 1.92 -3.95
CA ARG A 157 12.33 2.01 -5.34
C ARG A 157 11.33 1.30 -6.24
N LEU A 158 10.87 2.01 -7.26
CA LEU A 158 10.15 1.39 -8.36
C LEU A 158 11.07 1.44 -9.58
N ASP A 159 11.14 0.31 -10.26
CA ASP A 159 12.09 0.11 -11.35
C ASP A 159 11.41 -0.25 -12.67
N ARG A 160 10.28 -0.94 -12.62
CA ARG A 160 9.62 -1.50 -13.79
C ARG A 160 8.14 -1.12 -13.80
N TRP A 161 7.46 -1.50 -14.88
CA TRP A 161 6.06 -1.22 -15.13
C TRP A 161 5.24 -2.47 -14.86
N GLU A 162 3.91 -2.35 -14.92
CA GLU A 162 3.07 -3.54 -14.85
C GLU A 162 3.14 -4.26 -16.19
N LEU A 163 3.24 -5.60 -16.16
N LEU A 163 3.26 -5.59 -16.17
CA LEU A 163 3.23 -6.45 -14.97
CA LEU A 163 3.24 -6.53 -15.05
C LEU A 163 4.62 -6.98 -14.58
C LEU A 163 4.62 -6.95 -14.57
N GLU A 164 5.67 -6.52 -15.28
CA GLU A 164 7.02 -7.04 -15.00
C GLU A 164 7.46 -6.80 -13.57
N LEU A 165 6.98 -5.73 -12.93
CA LEU A 165 7.43 -5.40 -11.58
C LEU A 165 7.01 -6.42 -10.53
N ASN A 166 6.19 -7.41 -10.88
CA ASN A 166 5.70 -8.40 -9.92
C ASN A 166 6.57 -9.66 -9.81
N SER A 167 7.76 -9.69 -10.42
CA SER A 167 8.50 -10.94 -10.46
C SER A 167 8.96 -11.43 -9.09
N ALA A 168 9.15 -10.52 -8.12
CA ALA A 168 9.34 -10.90 -6.71
C ALA A 168 10.51 -11.88 -6.53
N ILE A 169 11.56 -11.70 -7.31
CA ILE A 169 12.69 -12.65 -7.30
C ILE A 169 13.42 -12.54 -5.96
N PRO A 170 13.71 -13.65 -5.28
CA PRO A 170 14.43 -13.56 -4.01
C PRO A 170 15.76 -12.82 -4.15
N GLY A 171 15.95 -11.83 -3.29
CA GLY A 171 17.16 -11.05 -3.26
C GLY A 171 17.19 -9.87 -4.19
N ASP A 172 16.22 -9.75 -5.10
CA ASP A 172 16.20 -8.66 -6.07
C ASP A 172 15.60 -7.43 -5.39
N ALA A 173 16.36 -6.35 -5.34
CA ALA A 173 15.86 -5.12 -4.75
C ALA A 173 14.95 -4.32 -5.66
N ARG A 174 14.87 -4.63 -6.94
CA ARG A 174 13.99 -3.85 -7.81
C ARG A 174 12.56 -3.91 -7.30
N ASP A 175 11.86 -2.78 -7.37
CA ASP A 175 10.42 -2.76 -7.07
C ASP A 175 10.12 -3.25 -5.66
N THR A 176 10.92 -2.77 -4.69
CA THR A 176 10.77 -3.13 -3.29
C THR A 176 10.77 -1.88 -2.42
N SER A 177 10.27 -2.07 -1.20
CA SER A 177 10.58 -1.16 -0.11
C SER A 177 10.61 -1.97 1.17
N SER A 178 10.67 -1.30 2.30
CA SER A 178 10.62 -1.98 3.59
C SER A 178 9.29 -1.66 4.28
N PRO A 179 8.83 -2.53 5.18
CA PRO A 179 7.61 -2.20 5.93
C PRO A 179 7.73 -0.88 6.67
N ARG A 180 8.90 -0.62 7.25
CA ARG A 180 9.10 0.64 7.97
C ARG A 180 8.95 1.85 7.05
N ALA A 181 9.65 1.85 5.90
CA ALA A 181 9.58 3.01 5.02
C ALA A 181 8.17 3.17 4.46
N VAL A 182 7.50 2.07 4.15
CA VAL A 182 6.11 2.15 3.69
C VAL A 182 5.24 2.84 4.74
N THR A 183 5.36 2.43 6.01
CA THR A 183 4.58 3.04 7.08
C THR A 183 4.95 4.51 7.27
N GLU A 184 6.25 4.81 7.27
CA GLU A 184 6.68 6.19 7.46
C GLU A 184 6.16 7.08 6.35
N SER A 185 6.24 6.63 5.10
CA SER A 185 5.74 7.43 4.00
C SER A 185 4.21 7.54 4.03
N LEU A 186 3.53 6.43 4.36
CA LEU A 186 2.07 6.49 4.44
C LEU A 186 1.63 7.49 5.50
N GLN A 187 2.32 7.50 6.64
N GLN A 187 2.32 7.52 6.64
N GLN A 187 2.31 7.52 6.64
CA GLN A 187 2.01 8.48 7.68
CA GLN A 187 1.99 8.49 7.68
CA GLN A 187 1.96 8.50 7.67
C GLN A 187 2.15 9.90 7.15
C GLN A 187 2.16 9.91 7.17
C GLN A 187 2.14 9.92 7.15
N LYS A 188 3.28 10.20 6.50
CA LYS A 188 3.52 11.54 6.00
C LYS A 188 2.42 11.99 5.05
N LEU A 189 1.95 11.08 4.20
CA LEU A 189 1.00 11.41 3.15
C LEU A 189 -0.45 11.48 3.65
N THR A 190 -0.83 10.65 4.61
CA THR A 190 -2.21 10.60 5.07
C THR A 190 -2.47 11.44 6.31
N LEU A 191 -1.45 11.68 7.13
CA LEU A 191 -1.64 12.36 8.40
C LEU A 191 -0.71 13.55 8.57
N GLY A 192 0.44 13.51 7.92
CA GLY A 192 1.43 14.58 7.99
C GLY A 192 1.19 15.64 6.95
N SER A 193 2.27 16.33 6.58
CA SER A 193 2.20 17.52 5.74
C SER A 193 2.75 17.31 4.34
N ALA A 194 2.96 16.08 3.91
CA ALA A 194 3.55 15.86 2.60
C ALA A 194 2.61 16.26 1.48
N LEU A 195 1.30 16.15 1.70
CA LEU A 195 0.29 16.70 0.79
C LEU A 195 -0.41 17.87 1.46
N ALA A 196 -0.89 18.80 0.65
CA ALA A 196 -1.76 19.83 1.17
C ALA A 196 -3.07 19.21 1.65
N ALA A 197 -3.78 19.92 2.53
CA ALA A 197 -4.90 19.32 3.24
C ALA A 197 -5.98 18.74 2.31
N PRO A 198 -6.41 19.43 1.25
CA PRO A 198 -7.45 18.82 0.38
C PRO A 198 -6.97 17.54 -0.28
N GLN A 199 -5.73 17.55 -0.77
CA GLN A 199 -5.17 16.36 -1.41
C GLN A 199 -4.97 15.23 -0.42
N ARG A 200 -4.55 15.58 0.79
N ARG A 200 -4.55 15.57 0.80
CA ARG A 200 -4.41 14.58 1.85
CA ARG A 200 -4.40 14.55 1.84
C ARG A 200 -5.72 13.85 2.08
C ARG A 200 -5.72 13.84 2.08
N GLN A 201 -6.82 14.59 2.20
CA GLN A 201 -8.11 13.95 2.45
C GLN A 201 -8.57 13.14 1.25
N GLN A 202 -8.26 13.60 0.03
CA GLN A 202 -8.61 12.79 -1.14
C GLN A 202 -7.85 11.47 -1.14
N PHE A 203 -6.57 11.49 -0.76
CA PHE A 203 -5.80 10.26 -0.70
C PHE A 203 -6.40 9.32 0.33
N VAL A 204 -6.70 9.85 1.52
CA VAL A 204 -7.38 9.07 2.56
C VAL A 204 -8.68 8.48 2.03
N ASP A 205 -9.49 9.29 1.35
CA ASP A 205 -10.77 8.80 0.86
C ASP A 205 -10.61 7.70 -0.17
N TRP A 206 -9.61 7.81 -1.05
CA TRP A 206 -9.36 6.72 -1.99
C TRP A 206 -8.99 5.44 -1.26
N LEU A 207 -8.08 5.52 -0.27
CA LEU A 207 -7.72 4.36 0.52
C LEU A 207 -8.92 3.78 1.26
N LYS A 208 -9.77 4.64 1.83
CA LYS A 208 -10.96 4.13 2.53
C LYS A 208 -11.87 3.36 1.59
N GLY A 209 -11.93 3.76 0.32
CA GLY A 209 -12.77 3.13 -0.66
C GLY A 209 -12.17 1.90 -1.30
N ASN A 210 -11.00 1.44 -0.85
CA ASN A 210 -10.43 0.27 -1.48
C ASN A 210 -11.36 -0.93 -1.36
N THR A 211 -11.44 -1.74 -2.42
CA THR A 211 -12.31 -2.91 -2.46
C THR A 211 -11.56 -4.24 -2.34
N THR A 212 -10.23 -4.23 -2.38
CA THR A 212 -9.47 -5.46 -2.51
C THR A 212 -8.89 -5.97 -1.19
N GLY A 213 -9.11 -5.28 -0.07
CA GLY A 213 -8.40 -5.58 1.15
C GLY A 213 -9.24 -6.16 2.28
N ASN A 214 -10.45 -6.65 2.00
CA ASN A 214 -11.34 -7.04 3.10
C ASN A 214 -10.81 -8.19 3.93
N HIS A 215 -9.92 -9.01 3.38
CA HIS A 215 -9.41 -10.18 4.08
C HIS A 215 -8.00 -9.97 4.62
N ARG A 216 -7.51 -8.73 4.62
CA ARG A 216 -6.15 -8.45 5.06
C ARG A 216 -6.20 -7.60 6.32
N ILE A 217 -5.57 -6.42 6.37
CA ILE A 217 -5.57 -5.64 7.60
C ILE A 217 -7.00 -5.36 8.08
N ARG A 218 -7.92 -5.06 7.16
CA ARG A 218 -9.30 -4.77 7.54
C ARG A 218 -9.92 -5.91 8.36
N ALA A 219 -9.54 -7.15 8.10
CA ALA A 219 -10.13 -8.27 8.84
C ALA A 219 -9.73 -8.26 10.30
N ALA A 220 -8.66 -7.54 10.66
CA ALA A 220 -8.24 -7.37 12.05
C ALA A 220 -8.78 -6.11 12.70
N VAL A 221 -9.47 -5.26 11.95
CA VAL A 221 -9.88 -3.94 12.42
C VAL A 221 -11.38 -4.00 12.72
N PRO A 222 -11.81 -3.64 13.93
CA PRO A 222 -13.26 -3.64 14.21
C PRO A 222 -14.05 -2.78 13.24
N ALA A 223 -15.28 -3.24 12.96
CA ALA A 223 -16.12 -2.59 11.97
C ALA A 223 -16.43 -1.13 12.31
N ASP A 224 -16.39 -0.77 13.59
CA ASP A 224 -16.73 0.61 13.97
C ASP A 224 -15.53 1.55 13.96
N TRP A 225 -14.38 1.12 13.43
CA TRP A 225 -13.23 1.99 13.22
C TRP A 225 -13.07 2.31 11.73
N ALA A 226 -12.69 3.54 11.42
CA ALA A 226 -12.39 3.89 10.04
C ALA A 226 -11.03 3.33 9.62
N VAL A 227 -10.90 2.99 8.34
N VAL A 227 -10.93 2.94 8.35
CA VAL A 227 -9.68 2.36 7.85
CA VAL A 227 -9.72 2.35 7.81
C VAL A 227 -9.61 2.56 6.34
C VAL A 227 -9.62 2.69 6.33
N GLY A 228 -8.39 2.84 5.86
CA GLY A 228 -8.10 2.82 4.44
C GLY A 228 -6.85 1.98 4.21
N ASP A 229 -6.78 1.32 3.06
CA ASP A 229 -5.64 0.43 2.81
C ASP A 229 -5.35 0.33 1.33
N LYS A 230 -4.17 -0.21 1.03
CA LYS A 230 -3.83 -0.62 -0.32
C LYS A 230 -3.10 -1.96 -0.25
N THR A 231 -3.57 -2.92 -1.04
CA THR A 231 -3.01 -4.26 -1.10
C THR A 231 -1.97 -4.40 -2.21
N GLY A 232 -1.19 -5.48 -2.09
CA GLY A 232 -0.33 -5.93 -3.16
C GLY A 232 -0.29 -7.43 -3.20
N THR A 233 -0.29 -8.00 -4.41
CA THR A 233 -0.23 -9.44 -4.60
C THR A 233 0.61 -9.70 -5.85
N CYS A 234 1.78 -10.32 -5.70
CA CYS A 234 2.65 -10.52 -6.86
C CYS A 234 2.32 -11.77 -7.64
N GLY A 235 1.72 -12.78 -7.02
CA GLY A 235 1.37 -14.01 -7.70
C GLY A 235 2.42 -15.10 -7.69
N VAL A 236 3.59 -14.85 -7.08
CA VAL A 236 4.68 -15.80 -7.02
C VAL A 236 5.39 -15.58 -5.69
N TYR A 237 6.17 -16.57 -5.29
CA TYR A 237 7.07 -16.44 -4.14
C TYR A 237 6.32 -16.05 -2.87
N GLY A 238 5.10 -16.56 -2.72
CA GLY A 238 4.31 -16.26 -1.53
C GLY A 238 4.27 -14.79 -1.18
N THR A 239 4.28 -13.90 -2.18
CA THR A 239 4.55 -12.49 -1.95
C THR A 239 3.26 -11.69 -2.05
N ALA A 240 2.84 -11.09 -0.94
CA ALA A 240 1.65 -10.27 -0.90
C ALA A 240 1.76 -9.37 0.33
N ASN A 241 0.91 -8.35 0.38
CA ASN A 241 1.10 -7.33 1.39
C ASN A 241 -0.15 -6.44 1.49
N ASP A 242 -0.12 -5.56 2.47
CA ASP A 242 -1.15 -4.57 2.69
C ASP A 242 -0.56 -3.50 3.58
N TYR A 243 -0.97 -2.26 3.37
CA TYR A 243 -0.70 -1.19 4.32
C TYR A 243 -1.98 -0.41 4.56
N ALA A 244 -2.05 0.20 5.73
CA ALA A 244 -3.30 0.84 6.12
C ALA A 244 -3.06 1.95 7.11
N VAL A 245 -3.98 2.91 7.09
N VAL A 245 -4.03 2.87 7.13
CA VAL A 245 -4.19 3.83 8.19
CA VAL A 245 -4.18 3.87 8.17
C VAL A 245 -5.50 3.43 8.85
C VAL A 245 -5.52 3.60 8.87
N VAL A 246 -5.48 3.41 10.18
CA VAL A 246 -6.60 2.95 10.99
C VAL A 246 -6.90 4.01 12.03
N TRP A 247 -8.18 4.35 12.19
CA TRP A 247 -8.61 5.33 13.18
C TRP A 247 -9.43 4.63 14.26
N PRO A 248 -8.80 4.08 15.30
CA PRO A 248 -9.59 3.53 16.43
C PRO A 248 -10.31 4.69 17.08
N THR A 249 -11.53 4.45 17.55
CA THR A 249 -12.27 5.54 18.15
C THR A 249 -11.61 5.95 19.47
N GLY A 250 -11.63 7.25 19.72
CA GLY A 250 -11.18 7.77 21.00
C GLY A 250 -9.67 7.87 21.18
N ARG A 251 -8.87 7.59 20.16
CA ARG A 251 -7.42 7.70 20.30
C ARG A 251 -6.82 8.04 18.95
N ALA A 252 -5.50 8.24 18.94
CA ALA A 252 -4.82 8.66 17.73
C ALA A 252 -4.76 7.53 16.71
N PRO A 253 -4.63 7.88 15.43
CA PRO A 253 -4.58 6.84 14.40
C PRO A 253 -3.33 5.99 14.46
N ILE A 254 -3.45 4.80 13.88
N ILE A 254 -3.44 4.80 13.89
CA ILE A 254 -2.36 3.84 13.75
CA ILE A 254 -2.35 3.85 13.75
C ILE A 254 -2.04 3.71 12.26
C ILE A 254 -2.07 3.70 12.26
N VAL A 255 -0.76 3.67 11.92
N VAL A 255 -0.79 3.64 11.91
CA VAL A 255 -0.32 3.40 10.55
CA VAL A 255 -0.35 3.39 10.54
C VAL A 255 0.45 2.09 10.58
C VAL A 255 0.46 2.11 10.57
N LEU A 256 0.18 1.19 9.64
CA LEU A 256 0.90 -0.07 9.65
C LEU A 256 1.04 -0.66 8.26
N ALA A 257 2.05 -1.53 8.16
CA ALA A 257 2.39 -2.21 6.92
C ALA A 257 2.71 -3.67 7.26
N VAL A 258 2.19 -4.59 6.46
CA VAL A 258 2.42 -6.02 6.60
C VAL A 258 2.78 -6.57 5.23
N TYR A 259 4.00 -7.10 5.10
CA TYR A 259 4.53 -7.61 3.84
C TYR A 259 4.95 -9.06 4.04
N THR A 260 4.77 -9.89 3.02
CA THR A 260 5.20 -11.27 3.07
C THR A 260 5.97 -11.65 1.82
N ARG A 261 6.80 -12.68 1.97
N ARG A 261 6.78 -12.69 1.97
CA ARG A 261 7.40 -13.38 0.84
CA ARG A 261 7.41 -13.37 0.85
C ARG A 261 7.80 -14.77 1.32
C ARG A 261 7.76 -14.78 1.32
N ALA A 262 8.20 -15.61 0.39
CA ALA A 262 8.50 -17.01 0.69
C ALA A 262 9.55 -17.48 -0.31
N PRO A 263 10.24 -18.57 -0.02
N PRO A 263 10.31 -18.53 0.04
CA PRO A 263 11.46 -18.87 -0.80
CA PRO A 263 11.49 -18.87 -0.78
C PRO A 263 11.23 -19.46 -2.16
C PRO A 263 11.21 -19.41 -2.17
N ASN A 264 10.10 -20.13 -2.39
CA ASN A 264 9.90 -20.89 -3.60
C ASN A 264 8.91 -20.18 -4.52
N LYS A 265 9.15 -20.26 -5.82
CA LYS A 265 8.33 -19.52 -6.76
C LYS A 265 6.86 -19.92 -6.64
N ASP A 266 6.59 -21.20 -6.46
N ASP A 266 6.60 -21.22 -6.44
CA ASP A 266 5.20 -21.65 -6.39
CA ASP A 266 5.26 -21.78 -6.36
C ASP A 266 4.63 -21.67 -4.98
C ASP A 266 4.60 -21.58 -5.00
N ASP A 267 5.31 -21.07 -4.01
CA ASP A 267 4.70 -20.87 -2.70
C ASP A 267 3.53 -19.89 -2.82
N LYS A 268 2.44 -20.21 -2.14
CA LYS A 268 1.25 -19.38 -2.22
C LYS A 268 1.26 -18.30 -1.14
N HIS A 269 0.70 -17.15 -1.47
CA HIS A 269 0.50 -16.14 -0.45
C HIS A 269 -0.69 -16.52 0.42
N SER A 270 -0.85 -15.80 1.52
CA SER A 270 -1.96 -16.04 2.43
C SER A 270 -2.53 -14.72 2.91
N GLU A 271 -3.80 -14.49 2.63
CA GLU A 271 -4.46 -13.33 3.22
C GLU A 271 -4.63 -13.48 4.72
N ALA A 272 -4.93 -14.70 5.18
CA ALA A 272 -5.12 -14.94 6.61
C ALA A 272 -3.87 -14.60 7.40
N VAL A 273 -2.69 -14.88 6.85
N VAL A 273 -2.68 -14.88 6.86
CA VAL A 273 -1.45 -14.58 7.55
CA VAL A 273 -1.46 -14.57 7.59
C VAL A 273 -1.27 -13.08 7.69
C VAL A 273 -1.29 -13.06 7.72
N ILE A 274 -1.66 -12.32 6.67
CA ILE A 274 -1.57 -10.87 6.75
C ILE A 274 -2.51 -10.34 7.83
N ALA A 275 -3.77 -10.83 7.84
CA ALA A 275 -4.72 -10.42 8.87
C ALA A 275 -4.21 -10.78 10.26
N ALA A 276 -3.64 -11.98 10.41
CA ALA A 276 -3.15 -12.41 11.71
C ALA A 276 -1.99 -11.53 12.17
N ALA A 277 -1.11 -11.17 11.26
CA ALA A 277 0.01 -10.29 11.60
C ALA A 277 -0.47 -8.91 12.00
N ALA A 278 -1.49 -8.39 11.30
CA ALA A 278 -2.09 -7.13 11.68
C ALA A 278 -2.69 -7.20 13.08
N ARG A 279 -3.35 -8.31 13.42
N ARG A 279 -3.38 -8.30 13.41
CA ARG A 279 -3.92 -8.46 14.75
CA ARG A 279 -3.90 -8.46 14.77
C ARG A 279 -2.82 -8.46 15.82
C ARG A 279 -2.78 -8.38 15.79
N LEU A 280 -1.70 -9.13 15.55
CA LEU A 280 -0.57 -9.11 16.48
C LEU A 280 -0.01 -7.70 16.65
N ALA A 281 0.06 -6.93 15.56
CA ALA A 281 0.56 -5.57 15.65
C ALA A 281 -0.34 -4.70 16.52
N LEU A 282 -1.65 -4.76 16.29
CA LEU A 282 -2.58 -4.00 17.11
C LEU A 282 -2.49 -4.42 18.57
N GLU A 283 -2.38 -5.73 18.82
CA GLU A 283 -2.22 -6.20 20.20
C GLU A 283 -0.92 -5.69 20.80
N GLY A 284 0.16 -5.72 20.03
CA GLY A 284 1.44 -5.24 20.54
C GLY A 284 1.40 -3.77 20.89
N LEU A 285 0.59 -2.99 20.18
CA LEU A 285 0.42 -1.58 20.50
C LEU A 285 -0.59 -1.33 21.62
N GLY A 286 -1.23 -2.36 22.14
CA GLY A 286 -2.20 -2.17 23.21
C GLY A 286 -3.49 -1.56 22.74
N VAL A 287 -3.77 -1.67 21.45
N VAL A 287 -3.74 -1.61 21.44
CA VAL A 287 -4.98 -1.11 20.86
CA VAL A 287 -4.94 -1.03 20.86
C VAL A 287 -6.03 -2.21 20.93
C VAL A 287 -6.06 -2.03 21.07
N ASN A 288 -6.85 -2.17 21.97
N ASN A 288 -6.18 -3.00 20.16
CA ASN A 288 -7.93 -3.13 22.11
CA ASN A 288 -7.06 -4.15 20.33
C ASN A 288 -8.90 -2.97 20.95
C ASN A 288 -6.70 -5.21 19.30
N GLY A 289 -9.10 -4.06 20.21
N GLY A 289 -7.48 -5.26 18.24
CA GLY A 289 -10.03 -4.05 19.11
CA GLY A 289 -7.46 -6.33 17.28
C GLY A 289 -10.38 -5.47 18.74
C GLY A 289 -8.80 -7.02 17.18
N GLN A 290 -9.62 -6.05 17.82
N GLN A 290 -8.89 -7.93 16.21
CA GLN A 290 -9.74 -7.45 17.50
CA GLN A 290 -10.10 -8.74 16.08
C GLN A 290 -8.90 -8.27 18.47
C GLN A 290 -9.77 -10.10 15.52
#